data_5LVR
#
_entry.id   5LVR
#
_cell.length_a   99.659
_cell.length_b   99.659
_cell.length_c   100.354
_cell.angle_alpha   90.00
_cell.angle_beta   90.00
_cell.angle_gamma   120.00
#
_symmetry.space_group_name_H-M   'H 3'
#
loop_
_entity.id
_entity.type
_entity.pdbx_description
1 polymer 'Histone acetyltransferase KAT2B'
2 non-polymer 1,2-ETHANEDIOL
3 non-polymer 5-methyl-2-phenyl-1,2,3-triazole-4-carboxamide
4 non-polymer 'DIMETHYL SULFOXIDE'
5 water water
#
_entity_poly.entity_id   1
_entity_poly.type   'polypeptide(L)'
_entity_poly.pdbx_seq_one_letter_code
;SMGKEKSKEPRDPDQLYSTLKSILQQVKSHQSAWPFMEPVKRTEAPGYYEVIRFPMDLKTMSERLKNRYYVSKKLFMADL
QRVFTNCKEYNPPESEYYKCANILEKFFFSKIKEAGLID
;
_entity_poly.pdbx_strand_id   A,B
#
loop_
_chem_comp.id
_chem_comp.type
_chem_comp.name
_chem_comp.formula
78Y non-polymer 5-methyl-2-phenyl-1,2,3-triazole-4-carboxamide 'C10 H10 N4 O'
DMS non-polymer 'DIMETHYL SULFOXIDE' 'C2 H6 O S'
EDO non-polymer 1,2-ETHANEDIOL 'C2 H6 O2'
#
# COMPACT_ATOMS: atom_id res chain seq x y z
N ASP A 12 28.16 -12.97 -1.53
CA ASP A 12 28.40 -11.71 -0.75
C ASP A 12 28.11 -10.45 -1.57
N PRO A 13 28.73 -10.30 -2.76
CA PRO A 13 28.59 -9.03 -3.50
C PRO A 13 27.23 -8.80 -4.19
N ASP A 14 26.77 -9.77 -4.98
CA ASP A 14 25.56 -9.63 -5.76
C ASP A 14 24.40 -10.31 -5.06
N GLN A 15 24.48 -10.46 -3.74
CA GLN A 15 23.46 -11.18 -2.98
CA GLN A 15 23.47 -11.20 -3.01
C GLN A 15 22.08 -10.55 -3.12
N LEU A 16 22.03 -9.23 -3.00
CA LEU A 16 20.77 -8.48 -3.09
C LEU A 16 20.11 -8.68 -4.47
N TYR A 17 20.88 -8.42 -5.52
CA TYR A 17 20.45 -8.63 -6.87
C TYR A 17 19.85 -10.01 -7.04
N SER A 18 20.52 -11.06 -6.54
CA SER A 18 20.02 -12.43 -6.69
C SER A 18 18.71 -12.63 -5.97
N THR A 19 18.64 -12.17 -4.73
CA THR A 19 17.39 -12.26 -3.95
C THR A 19 16.26 -11.52 -4.63
N LEU A 20 16.51 -10.31 -5.10
CA LEU A 20 15.46 -9.52 -5.75
C LEU A 20 14.97 -10.17 -7.03
N LYS A 21 15.91 -10.69 -7.82
CA LYS A 21 15.58 -11.34 -9.06
C LYS A 21 14.73 -12.57 -8.85
N SER A 22 15.07 -13.31 -7.82
CA SER A 22 14.29 -14.50 -7.49
C SER A 22 12.87 -14.08 -7.08
N ILE A 23 12.77 -13.05 -6.22
CA ILE A 23 11.45 -12.64 -5.72
C ILE A 23 10.61 -12.15 -6.89
N LEU A 24 11.21 -11.30 -7.73
CA LEU A 24 10.50 -10.73 -8.88
C LEU A 24 10.06 -11.81 -9.85
N GLN A 25 10.91 -12.82 -10.04
CA GLN A 25 10.58 -13.94 -10.96
C GLN A 25 9.40 -14.77 -10.47
N GLN A 26 9.43 -15.07 -9.19
CA GLN A 26 8.32 -15.76 -8.57
C GLN A 26 7.01 -14.95 -8.63
N VAL A 27 7.08 -13.65 -8.36
CA VAL A 27 5.90 -12.80 -8.46
C VAL A 27 5.36 -12.80 -9.90
N LYS A 28 6.26 -12.63 -10.91
CA LYS A 28 5.84 -12.63 -12.32
C LYS A 28 5.31 -13.92 -12.78
N SER A 29 5.74 -15.04 -12.19
CA SER A 29 5.14 -16.36 -12.53
C SER A 29 3.83 -16.73 -11.85
N HIS A 30 3.44 -15.96 -10.85
CA HIS A 30 2.29 -16.28 -10.11
C HIS A 30 1.06 -16.10 -10.97
N GLN A 31 0.07 -16.95 -10.78
CA GLN A 31 -1.14 -16.93 -11.59
C GLN A 31 -1.98 -15.67 -11.52
N SER A 32 -1.84 -14.88 -10.45
CA SER A 32 -2.52 -13.63 -10.28
C SER A 32 -1.66 -12.39 -10.71
N ALA A 33 -0.50 -12.60 -11.33
CA ALA A 33 0.32 -11.47 -11.80
C ALA A 33 -0.11 -10.85 -13.14
N TRP A 34 -1.02 -11.48 -13.87
CA TRP A 34 -1.28 -11.11 -15.29
C TRP A 34 -1.77 -9.67 -15.47
N PRO A 35 -2.50 -9.08 -14.48
CA PRO A 35 -2.90 -7.69 -14.71
C PRO A 35 -1.77 -6.67 -14.65
N PHE A 36 -0.64 -7.11 -14.10
CA PHE A 36 0.43 -6.20 -13.71
C PHE A 36 1.69 -6.35 -14.60
N MET A 37 1.59 -7.17 -15.63
CA MET A 37 2.77 -7.58 -16.38
C MET A 37 3.33 -6.47 -17.22
N GLU A 38 2.51 -5.50 -17.64
CA GLU A 38 2.94 -4.41 -18.47
C GLU A 38 2.24 -3.13 -18.14
N PRO A 39 2.76 -1.97 -18.62
CA PRO A 39 2.11 -0.70 -18.37
C PRO A 39 0.67 -0.69 -18.78
N VAL A 40 -0.16 -0.07 -17.96
CA VAL A 40 -1.57 0.13 -18.28
C VAL A 40 -1.67 1.01 -19.53
N LYS A 41 -2.52 0.62 -20.48
CA LYS A 41 -2.73 1.42 -21.73
C LYS A 41 -3.89 2.42 -21.56
N ARG A 42 -3.70 3.65 -22.01
CA ARG A 42 -4.73 4.70 -21.88
CA ARG A 42 -4.72 4.71 -21.89
C ARG A 42 -6.01 4.29 -22.58
N THR A 43 -5.85 3.65 -23.73
CA THR A 43 -7.00 3.17 -24.49
C THR A 43 -7.88 2.29 -23.61
N GLU A 44 -7.28 1.47 -22.75
CA GLU A 44 -8.05 0.55 -21.92
C GLU A 44 -8.46 1.13 -20.57
N ALA A 45 -7.95 2.29 -20.18
CA ALA A 45 -8.32 2.74 -18.85
C ALA A 45 -8.56 4.20 -18.68
N PRO A 46 -9.82 4.61 -18.85
CA PRO A 46 -10.10 6.04 -18.97
C PRO A 46 -9.64 6.88 -17.77
N GLY A 47 -8.86 7.92 -18.05
CA GLY A 47 -8.38 8.76 -16.99
C GLY A 47 -7.48 8.04 -16.00
N TYR A 48 -6.87 6.92 -16.39
CA TYR A 48 -5.95 6.23 -15.50
C TYR A 48 -4.82 7.16 -15.07
N TYR A 49 -4.15 7.75 -16.05
CA TYR A 49 -2.99 8.59 -15.81
C TYR A 49 -3.37 9.97 -15.25
N GLU A 50 -4.66 10.31 -15.22
CA GLU A 50 -5.06 11.51 -14.46
C GLU A 50 -5.03 11.15 -12.97
N VAL A 51 -5.48 9.93 -12.64
CA VAL A 51 -5.68 9.48 -11.24
C VAL A 51 -4.39 8.90 -10.63
N ILE A 52 -3.68 8.10 -11.40
CA ILE A 52 -2.48 7.44 -10.95
C ILE A 52 -1.24 8.18 -11.50
N ARG A 53 -0.53 8.82 -10.60
CA ARG A 53 0.61 9.65 -10.94
C ARG A 53 1.96 8.92 -10.94
N PHE A 54 2.07 7.80 -10.22
CA PHE A 54 3.28 6.97 -10.27
C PHE A 54 2.96 5.57 -10.74
N PRO A 55 2.71 5.41 -12.04
CA PRO A 55 2.44 4.09 -12.57
C PRO A 55 3.61 3.13 -12.37
N MET A 56 3.32 1.87 -12.21
CA MET A 56 4.38 0.85 -12.10
C MET A 56 3.80 -0.45 -12.57
N ASP A 57 4.65 -1.30 -13.09
CA ASP A 57 4.31 -2.60 -13.58
C ASP A 57 5.54 -3.49 -13.54
N LEU A 58 5.33 -4.75 -13.74
CA LEU A 58 6.40 -5.71 -13.45
C LEU A 58 7.45 -5.79 -14.60
N LYS A 59 7.04 -5.46 -15.81
CA LYS A 59 8.04 -5.30 -16.91
C LYS A 59 8.96 -4.12 -16.64
N THR A 60 8.43 -2.97 -16.24
CA THR A 60 9.31 -1.87 -15.81
C THR A 60 10.21 -2.28 -14.67
N MET A 61 9.68 -3.01 -13.67
CA MET A 61 10.53 -3.45 -12.55
C MET A 61 11.64 -4.37 -13.00
N SER A 62 11.33 -5.27 -13.91
CA SER A 62 12.35 -6.14 -14.50
C SER A 62 13.49 -5.36 -15.16
N GLU A 63 13.12 -4.31 -15.89
CA GLU A 63 14.11 -3.42 -16.49
C GLU A 63 14.96 -2.69 -15.45
N ARG A 64 14.29 -2.08 -14.49
CA ARG A 64 14.97 -1.40 -13.44
C ARG A 64 15.96 -2.32 -12.76
N LEU A 65 15.53 -3.53 -12.50
CA LEU A 65 16.39 -4.47 -11.81
C LEU A 65 17.67 -4.82 -12.64
N LYS A 66 17.43 -5.16 -13.90
CA LYS A 66 18.48 -5.39 -14.89
C LYS A 66 19.38 -4.17 -14.98
N ASN A 67 18.79 -2.99 -14.93
CA ASN A 67 19.57 -1.74 -14.94
C ASN A 67 20.30 -1.41 -13.66
N ARG A 68 20.24 -2.27 -12.64
CA ARG A 68 20.91 -2.06 -11.35
C ARG A 68 20.39 -0.84 -10.61
N TYR A 69 19.12 -0.53 -10.79
CA TYR A 69 18.45 0.53 -10.05
C TYR A 69 18.17 0.14 -8.60
N TYR A 70 17.90 -1.14 -8.36
CA TYR A 70 17.49 -1.56 -7.03
C TYR A 70 18.70 -1.79 -6.12
N VAL A 71 19.34 -0.70 -5.73
CA VAL A 71 20.50 -0.76 -4.84
C VAL A 71 20.13 -1.01 -3.35
N SER A 72 18.84 -1.02 -3.02
CA SER A 72 18.36 -1.33 -1.68
C SER A 72 17.05 -2.03 -1.76
N LYS A 73 16.77 -2.74 -0.70
CA LYS A 73 15.54 -3.44 -0.55
C LYS A 73 14.37 -2.46 -0.57
N LYS A 74 14.54 -1.31 0.07
CA LYS A 74 13.49 -0.31 0.13
C LYS A 74 13.03 0.21 -1.26
N LEU A 75 13.98 0.41 -2.17
CA LEU A 75 13.58 0.85 -3.55
C LEU A 75 12.74 -0.22 -4.20
N PHE A 76 13.13 -1.47 -4.06
CA PHE A 76 12.36 -2.56 -4.65
C PHE A 76 10.97 -2.71 -4.05
N MET A 77 10.89 -2.69 -2.72
CA MET A 77 9.60 -2.81 -2.02
C MET A 77 8.68 -1.68 -2.33
N ALA A 78 9.20 -0.47 -2.48
CA ALA A 78 8.34 0.64 -2.84
C ALA A 78 7.73 0.51 -4.22
N ASP A 79 8.51 0.05 -5.20
CA ASP A 79 7.97 -0.15 -6.55
C ASP A 79 6.90 -1.23 -6.53
N LEU A 80 7.19 -2.35 -5.96
CA LEU A 80 6.23 -3.43 -6.06
C LEU A 80 4.98 -3.12 -5.25
N GLN A 81 5.14 -2.42 -4.13
CA GLN A 81 3.95 -2.03 -3.36
C GLN A 81 3.06 -1.07 -4.15
N ARG A 82 3.70 -0.16 -4.86
CA ARG A 82 3.00 0.76 -5.76
CA ARG A 82 3.00 0.76 -5.74
C ARG A 82 2.15 0.04 -6.81
N VAL A 83 2.63 -1.09 -7.31
CA VAL A 83 1.84 -1.80 -8.32
C VAL A 83 0.47 -2.16 -7.71
N PHE A 84 0.51 -2.62 -6.45
CA PHE A 84 -0.75 -3.04 -5.79
C PHE A 84 -1.60 -1.89 -5.42
N THR A 85 -1.01 -0.84 -4.92
CA THR A 85 -1.82 0.25 -4.43
C THR A 85 -2.44 1.03 -5.58
N ASN A 86 -1.72 1.15 -6.71
CA ASN A 86 -2.35 1.74 -7.90
C ASN A 86 -3.57 0.95 -8.31
N CYS A 87 -3.39 -0.35 -8.41
CA CYS A 87 -4.51 -1.19 -8.82
C CYS A 87 -5.74 -0.98 -7.86
N LYS A 88 -5.46 -0.94 -6.56
CA LYS A 88 -6.56 -0.93 -5.57
C LYS A 88 -7.27 0.37 -5.54
N GLU A 89 -6.51 1.43 -5.77
CA GLU A 89 -7.14 2.70 -5.86
C GLU A 89 -8.08 2.81 -7.09
N TYR A 90 -7.60 2.33 -8.24
CA TYR A 90 -8.25 2.63 -9.48
C TYR A 90 -9.43 1.72 -9.70
N ASN A 91 -9.28 0.43 -9.42
CA ASN A 91 -10.35 -0.54 -9.71
C ASN A 91 -11.41 -0.73 -8.58
N PRO A 92 -12.67 -1.10 -8.94
CA PRO A 92 -13.70 -1.48 -7.97
C PRO A 92 -13.28 -2.67 -7.11
N PRO A 93 -13.69 -2.66 -5.82
CA PRO A 93 -13.14 -3.53 -4.80
C PRO A 93 -13.46 -5.01 -5.02
N GLU A 94 -14.51 -5.30 -5.80
CA GLU A 94 -14.85 -6.69 -6.10
C GLU A 94 -14.43 -7.05 -7.50
N SER A 95 -13.74 -6.14 -8.20
CA SER A 95 -13.20 -6.45 -9.54
C SER A 95 -12.16 -7.55 -9.46
N GLU A 96 -12.03 -8.33 -10.53
CA GLU A 96 -10.98 -9.33 -10.63
C GLU A 96 -9.58 -8.72 -10.40
N TYR A 97 -9.36 -7.50 -10.87
CA TYR A 97 -8.03 -6.88 -10.74
C TYR A 97 -7.71 -6.64 -9.27
N TYR A 98 -8.68 -6.07 -8.54
CA TYR A 98 -8.51 -5.84 -7.11
C TYR A 98 -8.25 -7.15 -6.42
N LYS A 99 -9.00 -8.22 -6.71
CA LYS A 99 -8.73 -9.55 -6.10
C LYS A 99 -7.35 -10.06 -6.35
N CYS A 100 -6.90 -9.95 -7.63
CA CYS A 100 -5.52 -10.30 -7.96
C CYS A 100 -4.51 -9.53 -7.20
N ALA A 101 -4.68 -8.21 -7.12
CA ALA A 101 -3.71 -7.43 -6.39
C ALA A 101 -3.49 -7.93 -4.92
N ASN A 102 -4.58 -8.23 -4.22
CA ASN A 102 -4.46 -8.59 -2.81
C ASN A 102 -3.92 -9.95 -2.66
N ILE A 103 -4.28 -10.87 -3.56
CA ILE A 103 -3.67 -12.17 -3.57
C ILE A 103 -2.17 -12.05 -3.78
N LEU A 104 -1.78 -11.29 -4.79
CA LEU A 104 -0.35 -11.20 -5.12
C LEU A 104 0.41 -10.43 -4.06
N GLU A 105 -0.21 -9.38 -3.52
CA GLU A 105 0.36 -8.71 -2.38
C GLU A 105 0.60 -9.64 -1.20
N LYS A 106 -0.37 -10.52 -0.84
CA LYS A 106 -0.09 -11.48 0.24
C LYS A 106 1.08 -12.33 -0.13
N PHE A 107 1.13 -12.78 -1.38
CA PHE A 107 2.27 -13.60 -1.81
C PHE A 107 3.56 -12.85 -1.65
N PHE A 108 3.60 -11.64 -2.18
CA PHE A 108 4.78 -10.78 -2.04
C PHE A 108 5.26 -10.63 -0.57
N PHE A 109 4.36 -10.31 0.37
CA PHE A 109 4.81 -10.14 1.78
C PHE A 109 5.36 -11.43 2.31
N SER A 110 4.81 -12.57 1.92
CA SER A 110 5.37 -13.83 2.41
C SER A 110 6.76 -14.05 1.86
N LYS A 111 6.99 -13.75 0.58
CA LYS A 111 8.34 -13.93 -0.04
C LYS A 111 9.40 -13.02 0.56
N ILE A 112 9.06 -11.75 0.77
CA ILE A 112 9.92 -10.79 1.46
C ILE A 112 10.29 -11.24 2.89
N LYS A 113 9.31 -11.74 3.64
CA LYS A 113 9.59 -12.30 4.97
C LYS A 113 10.45 -13.54 4.86
N GLU A 114 10.07 -14.44 3.97
CA GLU A 114 10.84 -15.68 3.72
C GLU A 114 12.30 -15.39 3.43
N ALA A 115 12.60 -14.31 2.71
CA ALA A 115 13.98 -13.94 2.38
C ALA A 115 14.68 -13.01 3.42
N GLY A 116 14.05 -12.75 4.56
CA GLY A 116 14.63 -11.91 5.59
C GLY A 116 14.93 -10.47 5.17
N LEU A 117 14.24 -9.99 4.16
CA LEU A 117 14.43 -8.66 3.65
C LEU A 117 13.62 -7.63 4.50
N ILE A 118 12.77 -8.14 5.39
CA ILE A 118 12.27 -7.36 6.56
C ILE A 118 12.06 -8.28 7.76
N ASP A 119 12.13 -7.67 8.95
CA ASP A 119 11.66 -8.20 10.27
C ASP A 119 12.77 -8.08 11.29
N ARG B 11 -11.91 26.67 -0.67
CA ARG B 11 -12.17 26.27 -2.09
C ARG B 11 -11.11 25.25 -2.50
N ASP B 12 -9.85 25.70 -2.55
CA ASP B 12 -8.69 24.79 -2.59
C ASP B 12 -8.44 24.29 -1.17
N PRO B 13 -8.03 25.21 -0.25
CA PRO B 13 -7.46 24.72 1.01
C PRO B 13 -8.47 24.12 2.02
N ASP B 14 -9.57 24.82 2.29
CA ASP B 14 -10.52 24.29 3.28
C ASP B 14 -11.58 23.29 2.80
N GLN B 15 -11.91 23.30 1.53
CA GLN B 15 -12.66 22.21 0.94
C GLN B 15 -11.90 20.90 1.22
N LEU B 16 -10.58 20.92 1.05
CA LEU B 16 -9.74 19.71 1.24
C LEU B 16 -9.85 19.20 2.68
N TYR B 17 -9.61 20.12 3.62
CA TYR B 17 -9.79 19.85 5.03
C TYR B 17 -11.14 19.17 5.33
N SER B 18 -12.25 19.68 4.79
CA SER B 18 -13.55 19.12 5.10
C SER B 18 -13.70 17.74 4.55
N THR B 19 -13.31 17.56 3.29
CA THR B 19 -13.36 16.27 2.66
C THR B 19 -12.47 15.22 3.41
N LEU B 20 -11.25 15.61 3.78
CA LEU B 20 -10.35 14.66 4.49
C LEU B 20 -10.90 14.29 5.86
N LYS B 21 -11.45 15.28 6.58
CA LYS B 21 -12.07 15.06 7.88
C LYS B 21 -13.23 14.08 7.82
N SER B 22 -14.03 14.21 6.78
CA SER B 22 -15.17 13.34 6.59
C SER B 22 -14.71 11.92 6.27
N ILE B 23 -13.76 11.79 5.36
CA ILE B 23 -13.23 10.48 4.99
C ILE B 23 -12.61 9.80 6.22
N LEU B 24 -11.79 10.54 6.94
CA LEU B 24 -11.05 10.00 8.13
C LEU B 24 -12.02 9.63 9.23
N GLN B 25 -13.06 10.45 9.43
CA GLN B 25 -14.04 10.08 10.43
C GLN B 25 -14.83 8.81 10.05
N GLN B 26 -15.15 8.67 8.78
CA GLN B 26 -15.85 7.48 8.35
C GLN B 26 -14.96 6.22 8.48
N VAL B 27 -13.70 6.35 8.13
CA VAL B 27 -12.72 5.23 8.30
C VAL B 27 -12.64 4.83 9.77
N LYS B 28 -12.53 5.83 10.65
CA LYS B 28 -12.50 5.55 12.07
C LYS B 28 -13.70 4.91 12.67
N SER B 29 -14.92 5.13 12.11
CA SER B 29 -16.12 4.51 12.62
C SER B 29 -16.36 3.13 12.09
N HIS B 30 -15.62 2.74 11.08
CA HIS B 30 -15.84 1.46 10.49
C HIS B 30 -15.53 0.35 11.54
N GLN B 31 -16.24 -0.76 11.48
CA GLN B 31 -16.04 -1.86 12.40
C GLN B 31 -14.68 -2.57 12.33
N SER B 32 -13.99 -2.47 11.21
CA SER B 32 -12.66 -3.01 11.05
C SER B 32 -11.53 -2.02 11.40
N ALA B 33 -11.86 -0.84 11.91
CA ALA B 33 -10.82 0.12 12.23
C ALA B 33 -10.18 -0.09 13.56
N TRP B 34 -10.71 -0.98 14.36
CA TRP B 34 -10.32 -1.04 15.77
C TRP B 34 -8.82 -1.34 15.99
N PRO B 35 -8.18 -2.10 15.12
CA PRO B 35 -6.74 -2.29 15.38
C PRO B 35 -5.89 -1.05 15.21
N PHE B 36 -6.43 -0.05 14.52
CA PHE B 36 -5.63 1.05 13.97
C PHE B 36 -5.90 2.36 14.65
N MET B 37 -6.72 2.32 15.70
CA MET B 37 -7.28 3.56 16.29
C MET B 37 -6.24 4.41 17.01
N GLU B 38 -5.25 3.77 17.61
CA GLU B 38 -4.24 4.44 18.45
C GLU B 38 -2.88 3.79 18.23
N PRO B 39 -1.77 4.47 18.61
CA PRO B 39 -0.43 3.87 18.53
C PRO B 39 -0.43 2.48 19.13
N VAL B 40 0.16 1.57 18.41
CA VAL B 40 0.28 0.21 18.89
C VAL B 40 0.93 0.21 20.26
N LYS B 41 0.40 -0.59 21.19
CA LYS B 41 0.93 -0.64 22.57
C LYS B 41 1.98 -1.77 22.69
N ARG B 42 3.11 -1.48 23.34
CA ARG B 42 4.22 -2.48 23.48
CA ARG B 42 4.20 -2.47 23.47
C ARG B 42 3.70 -3.70 24.21
N THR B 43 2.83 -3.48 25.18
CA THR B 43 2.12 -4.56 25.86
C THR B 43 1.59 -5.60 24.89
N GLU B 44 0.93 -5.11 23.85
CA GLU B 44 0.20 -5.95 22.91
C GLU B 44 1.02 -6.38 21.73
N ALA B 45 2.23 -5.82 21.58
CA ALA B 45 3.10 -6.20 20.51
C ALA B 45 4.55 -5.85 20.94
N PRO B 46 5.07 -6.47 22.07
CA PRO B 46 6.49 -6.27 22.47
C PRO B 46 7.41 -6.50 21.21
N GLY B 47 8.37 -5.61 20.97
CA GLY B 47 9.19 -5.67 19.74
C GLY B 47 8.61 -5.09 18.45
N TYR B 48 7.40 -4.55 18.55
CA TYR B 48 6.79 -3.86 17.41
C TYR B 48 7.70 -2.73 16.93
N TYR B 49 8.10 -1.90 17.86
CA TYR B 49 8.89 -0.73 17.56
C TYR B 49 10.35 -1.07 17.23
N GLU B 50 10.78 -2.31 17.43
CA GLU B 50 12.08 -2.74 16.86
C GLU B 50 11.88 -2.95 15.35
N VAL B 51 10.74 -3.52 14.97
CA VAL B 51 10.48 -3.90 13.58
C VAL B 51 9.89 -2.77 12.68
N ILE B 52 8.95 -2.00 13.20
CA ILE B 52 8.28 -0.98 12.39
C ILE B 52 8.90 0.36 12.66
N ARG B 53 9.51 0.93 11.64
CA ARG B 53 10.29 2.17 11.78
C ARG B 53 9.49 3.40 11.59
N PHE B 54 8.40 3.34 10.83
CA PHE B 54 7.50 4.49 10.72
C PHE B 54 6.08 4.12 11.19
N PRO B 55 5.87 4.05 12.49
CA PRO B 55 4.53 3.78 13.02
C PRO B 55 3.49 4.84 12.63
N MET B 56 2.27 4.40 12.38
CA MET B 56 1.17 5.35 12.09
C MET B 56 -0.12 4.71 12.57
N ASP B 57 -1.07 5.57 12.93
CA ASP B 57 -2.35 5.16 13.45
C ASP B 57 -3.36 6.29 13.20
N LEU B 58 -4.64 5.97 13.37
CA LEU B 58 -5.69 6.95 13.01
C LEU B 58 -5.82 8.16 13.98
N LYS B 59 -5.44 7.97 15.23
CA LYS B 59 -5.40 9.08 16.18
C LYS B 59 -4.30 10.08 15.79
N THR B 60 -3.12 9.56 15.51
CA THR B 60 -2.08 10.41 14.99
C THR B 60 -2.56 11.10 13.73
N MET B 61 -3.26 10.41 12.82
CA MET B 61 -3.78 11.09 11.62
C MET B 61 -4.79 12.20 11.97
N SER B 62 -5.64 11.95 12.95
CA SER B 62 -6.63 12.97 13.40
C SER B 62 -5.94 14.23 13.89
N GLU B 63 -4.87 14.05 14.63
CA GLU B 63 -4.08 15.15 15.12
C GLU B 63 -3.37 15.88 14.01
N ARG B 64 -2.73 15.13 13.10
CA ARG B 64 -2.09 15.72 11.94
C ARG B 64 -3.05 16.55 11.11
N LEU B 65 -4.26 16.04 10.95
CA LEU B 65 -5.26 16.74 10.21
C LEU B 65 -5.66 18.08 10.91
N LYS B 66 -5.99 17.97 12.17
CA LYS B 66 -6.28 19.10 13.01
C LYS B 66 -5.14 20.12 13.00
N ASN B 67 -3.91 19.65 13.03
CA ASN B 67 -2.74 20.52 12.93
C ASN B 67 -2.44 21.05 11.50
N ARG B 68 -3.33 20.81 10.54
CA ARG B 68 -3.17 21.28 9.14
C ARG B 68 -1.98 20.73 8.36
N TYR B 69 -1.59 19.53 8.69
CA TYR B 69 -0.53 18.89 7.98
C TYR B 69 -0.96 18.44 6.58
N TYR B 70 -2.20 18.03 6.43
CA TYR B 70 -2.60 17.40 5.16
C TYR B 70 -2.96 18.47 4.10
N VAL B 71 -1.93 19.12 3.57
CA VAL B 71 -2.10 20.12 2.53
C VAL B 71 -2.33 19.51 1.13
N SER B 72 -2.25 18.20 0.98
CA SER B 72 -2.53 17.52 -0.28
C SER B 72 -3.10 16.13 -0.03
N LYS B 73 -3.75 15.61 -1.05
CA LYS B 73 -4.31 14.27 -1.05
C LYS B 73 -3.17 13.28 -0.86
N LYS B 74 -2.06 13.47 -1.55
CA LYS B 74 -0.98 12.50 -1.48
C LYS B 74 -0.36 12.37 -0.08
N LEU B 75 -0.31 13.44 0.74
CA LEU B 75 0.16 13.31 2.15
C LEU B 75 -0.82 12.46 2.95
N PHE B 76 -2.12 12.68 2.75
CA PHE B 76 -3.11 11.92 3.52
C PHE B 76 -3.06 10.44 3.14
N MET B 77 -2.99 10.17 1.86
CA MET B 77 -2.93 8.82 1.35
C MET B 77 -1.68 8.11 1.85
N ALA B 78 -0.56 8.81 1.93
CA ALA B 78 0.67 8.15 2.37
C ALA B 78 0.56 7.73 3.86
N ASP B 79 -0.04 8.56 4.71
CA ASP B 79 -0.23 8.21 6.12
C ASP B 79 -1.17 7.04 6.28
N LEU B 80 -2.31 7.08 5.60
CA LEU B 80 -3.23 5.99 5.77
C LEU B 80 -2.68 4.71 5.17
N GLN B 81 -2.00 4.79 4.05
CA GLN B 81 -1.45 3.61 3.44
CA GLN B 81 -1.48 3.59 3.46
C GLN B 81 -0.37 2.98 4.35
N ARG B 82 0.42 3.79 5.01
CA ARG B 82 1.42 3.35 5.98
C ARG B 82 0.78 2.53 7.11
N VAL B 83 -0.42 2.91 7.54
CA VAL B 83 -1.10 2.14 8.58
C VAL B 83 -1.27 0.71 8.05
N PHE B 84 -1.67 0.62 6.79
CA PHE B 84 -1.93 -0.72 6.20
C PHE B 84 -0.68 -1.51 5.91
N THR B 85 0.39 -0.86 5.47
CA THR B 85 1.64 -1.55 5.15
C THR B 85 2.38 -1.95 6.41
N ASN B 86 2.29 -1.14 7.45
CA ASN B 86 2.80 -1.58 8.76
C ASN B 86 2.09 -2.87 9.20
N CYS B 87 0.78 -2.88 9.10
CA CYS B 87 0.01 -4.03 9.53
C CYS B 87 0.43 -5.28 8.73
N LYS B 88 0.60 -5.14 7.43
CA LYS B 88 0.93 -6.30 6.56
C LYS B 88 2.41 -6.75 6.65
N GLU B 89 3.30 -5.81 6.92
CA GLU B 89 4.66 -6.13 7.29
C GLU B 89 4.73 -6.90 8.61
N TYR B 90 3.97 -6.48 9.65
CA TYR B 90 4.14 -7.05 10.98
C TYR B 90 3.43 -8.38 11.14
N ASN B 91 2.22 -8.48 10.61
CA ASN B 91 1.33 -9.60 10.87
C ASN B 91 1.29 -10.64 9.73
N PRO B 92 1.06 -11.93 10.06
CA PRO B 92 0.73 -12.99 9.09
C PRO B 92 -0.58 -12.74 8.31
N PRO B 93 -0.66 -13.22 7.07
CA PRO B 93 -1.75 -12.91 6.11
C PRO B 93 -3.12 -13.39 6.54
N GLU B 94 -3.16 -14.38 7.42
CA GLU B 94 -4.43 -14.92 7.80
C GLU B 94 -4.82 -14.42 9.18
N SER B 95 -4.00 -13.56 9.78
CA SER B 95 -4.36 -12.93 11.06
C SER B 95 -5.54 -11.98 10.87
N GLU B 96 -6.33 -11.84 11.91
CA GLU B 96 -7.44 -10.91 11.96
C GLU B 96 -6.98 -9.49 11.65
N TYR B 97 -5.77 -9.12 12.07
CA TYR B 97 -5.30 -7.77 11.83
C TYR B 97 -5.08 -7.54 10.36
N TYR B 98 -4.47 -8.51 9.69
CA TYR B 98 -4.22 -8.40 8.25
C TYR B 98 -5.58 -8.33 7.56
N LYS B 99 -6.55 -9.16 7.92
CA LYS B 99 -7.86 -9.12 7.32
C LYS B 99 -8.53 -7.76 7.48
N CYS B 100 -8.48 -7.22 8.71
CA CYS B 100 -9.04 -5.90 8.96
C CYS B 100 -8.38 -4.87 8.05
N ALA B 101 -7.09 -4.91 7.92
CA ALA B 101 -6.43 -3.92 7.07
C ALA B 101 -6.98 -3.89 5.62
N ASN B 102 -7.16 -5.06 5.02
CA ASN B 102 -7.62 -5.13 3.64
C ASN B 102 -9.09 -4.74 3.52
N ILE B 103 -9.91 -5.10 4.51
CA ILE B 103 -11.31 -4.68 4.50
C ILE B 103 -11.39 -3.15 4.61
N LEU B 104 -10.64 -2.60 5.54
CA LEU B 104 -10.69 -1.14 5.74
C LEU B 104 -10.10 -0.38 4.56
N GLU B 105 -9.03 -0.92 3.98
CA GLU B 105 -8.50 -0.35 2.76
C GLU B 105 -9.49 -0.34 1.60
N LYS B 106 -10.25 -1.41 1.37
CA LYS B 106 -11.29 -1.33 0.38
C LYS B 106 -12.24 -0.20 0.69
N PHE B 107 -12.68 -0.14 1.96
CA PHE B 107 -13.63 0.89 2.35
C PHE B 107 -13.06 2.28 2.08
N PHE B 108 -11.84 2.49 2.53
CA PHE B 108 -11.14 3.73 2.25
C PHE B 108 -11.13 4.13 0.77
N PHE B 109 -10.73 3.23 -0.09
CA PHE B 109 -10.70 3.59 -1.53
C PHE B 109 -12.10 3.95 -2.06
N SER B 110 -13.17 3.31 -1.57
CA SER B 110 -14.49 3.65 -2.07
CA SER B 110 -14.53 3.64 -2.02
C SER B 110 -14.81 5.07 -1.61
N LYS B 111 -14.39 5.42 -0.38
CA LYS B 111 -14.66 6.78 0.08
C LYS B 111 -13.88 7.87 -0.68
N ILE B 112 -12.61 7.63 -0.94
CA ILE B 112 -11.79 8.46 -1.85
C ILE B 112 -12.46 8.65 -3.23
N LYS B 113 -12.94 7.57 -3.83
CA LYS B 113 -13.62 7.64 -5.14
C LYS B 113 -14.92 8.41 -5.02
N GLU B 114 -15.71 8.05 -4.03
CA GLU B 114 -16.97 8.71 -3.76
C GLU B 114 -16.78 10.23 -3.64
N ALA B 115 -15.66 10.68 -3.08
CA ALA B 115 -15.40 12.11 -2.92
C ALA B 115 -14.76 12.80 -4.13
N GLY B 116 -14.42 12.06 -5.18
CA GLY B 116 -13.69 12.61 -6.33
C GLY B 116 -12.31 13.19 -6.00
N LEU B 117 -11.68 12.65 -4.98
CA LEU B 117 -10.43 13.21 -4.53
C LEU B 117 -9.28 12.92 -5.48
N ILE B 118 -8.65 13.99 -5.97
CA ILE B 118 -7.65 13.92 -7.03
C ILE B 118 -6.75 15.15 -6.95
C1 EDO C . 13.48 -11.97 -12.77
O1 EDO C . 12.58 -12.48 -13.78
C2 EDO C . 14.06 -10.63 -13.16
O2 EDO C . 13.18 -9.81 -13.96
C1 EDO D . 23.69 -9.45 -14.33
O1 EDO D . 24.95 -8.75 -14.45
C2 EDO D . 22.91 -9.63 -15.64
O2 EDO D . 21.92 -10.65 -15.40
C1 EDO E . -6.35 -16.65 -12.81
O1 EDO E . -5.09 -17.28 -13.00
C2 EDO E . -6.11 -15.39 -11.94
O2 EDO E . -7.06 -14.37 -12.19
C4 78Y F . -5.20 -4.51 -17.89
C5 78Y F . -5.95 -4.39 -19.05
C6 78Y F . -5.83 -5.36 -20.04
N1 78Y F . -4.70 -3.68 -15.67
C7 78Y F . -4.98 -6.43 -19.88
C8 78Y F . -4.22 -6.54 -18.72
N2 78Y F . -5.40 -3.61 -16.80
C9 78Y F . -4.31 -5.59 -17.73
N3 78Y F . -6.36 -2.66 -16.84
O 78Y F . -5.21 -1.47 -12.96
C 78Y F . -4.71 -2.39 -13.60
N 78Y F . -3.71 -3.13 -13.17
C1 78Y F . -5.21 -2.71 -14.90
C2 78Y F . -6.25 -2.09 -15.65
C3 78Y F . -7.14 -0.95 -15.26
C1 EDO G . 2.71 2.93 23.38
O1 EDO G . 3.32 3.48 22.22
C2 EDO G . 3.72 1.96 23.97
O2 EDO G . 3.09 0.91 24.68
C1 EDO H . -13.52 2.02 16.02
O1 EDO H . -14.88 2.36 15.72
C2 EDO H . -13.49 0.53 16.27
O2 EDO H . -13.73 -0.15 15.01
C1 EDO I . -5.03 -3.73 18.86
O1 EDO I . -4.26 -4.91 19.10
C2 EDO I . -4.15 -2.59 18.34
O2 EDO I . -3.06 -3.08 17.53
S DMS J . -1.54 -4.16 14.53
O DMS J . -0.43 -4.33 13.53
C1 DMS J . -0.76 -4.43 16.00
C2 DMS J . -2.00 -2.53 14.29
#